data_9PTJ
#
_entry.id   9PTJ
#
_cell.length_a   160.774
_cell.length_b   160.774
_cell.length_c   99.550
_cell.angle_alpha   90.000
_cell.angle_beta   90.000
_cell.angle_gamma   120.000
#
_symmetry.space_group_name_H-M   'P 32 2 1'
#
loop_
_entity.id
_entity.type
_entity.pdbx_description
1 polymer 'PUM-HD domain-containing protein'
2 polymer 'RNA II-3'
3 non-polymer GLYCEROL
4 non-polymer 'FORMIC ACID'
5 water water
#
loop_
_entity_poly.entity_id
_entity_poly.type
_entity_poly.pdbx_seq_one_letter_code
_entity_poly.pdbx_strand_id
1 'polypeptide(L)'
;SAVRLIDLENNASFSKSLNSTTRSHKCTLPIWAGDGEGNVSDSVTLQDVLANDALVEFATDKNGCRFLQEHYPTENDNDV
HQKLFRKLVEDRAIFLSLCSNMFGNFFVQRVLECSNTEEQEILTEHLATDLYNLCLDKSACRVIQLAIQKLDVHLATRLS
LELRDTHLVRLSIDQNGNHVIQKIVKTLPVSSWTFLVDFFADDDNLIHVCQDKYGCRVIQSTVETLSTDQYAQCYQHRVI
LLRSLMAGVTRNCTQLASNEFANYVVQHVIKCGDALAVYRDIIIEQCLLQNLLSMSQEKYASHVVEVAFECAPYRLVAEM
MNEIFEGYIPHPDTNRDALDILLFHQYGNYVVQQMIQTCVLGQNARDQKQSEMYGMWLEKIHGRVMRNAHRLERFSSGKK
IIEALQSMSLY
;
A
2 'polyribonucleotide' CUGUAUCUUAUA B
#
loop_
_chem_comp.id
_chem_comp.type
_chem_comp.name
_chem_comp.formula
A RNA linking ADENOSINE-5'-MONOPHOSPHATE 'C10 H14 N5 O7 P'
C RNA linking CYTIDINE-5'-MONOPHOSPHATE 'C9 H14 N3 O8 P'
FMT non-polymer 'FORMIC ACID' 'C H2 O2'
G RNA linking GUANOSINE-5'-MONOPHOSPHATE 'C10 H14 N5 O8 P'
GOL non-polymer GLYCEROL 'C3 H8 O3'
U RNA linking URIDINE-5'-MONOPHOSPHATE 'C9 H13 N2 O9 P'
#
# COMPACT_ATOMS: atom_id res chain seq x y z
N ALA A 2 -24.28 -14.33 53.52
CA ALA A 2 -25.21 -14.06 54.61
C ALA A 2 -25.90 -12.71 54.44
N VAL A 3 -25.20 -11.65 54.87
CA VAL A 3 -25.66 -10.27 54.71
C VAL A 3 -24.80 -9.61 53.64
N ARG A 4 -25.14 -8.37 53.30
CA ARG A 4 -24.37 -7.61 52.33
C ARG A 4 -22.97 -7.26 52.87
N LEU A 5 -22.00 -7.26 51.96
CA LEU A 5 -20.61 -6.94 52.27
C LEU A 5 -20.05 -6.24 51.05
N ILE A 6 -19.87 -4.94 51.12
CA ILE A 6 -19.34 -4.17 49.99
C ILE A 6 -17.91 -3.76 50.30
N ASP A 7 -17.01 -4.11 49.40
CA ASP A 7 -15.58 -4.16 49.68
C ASP A 7 -14.88 -3.14 48.77
N LEU A 8 -14.64 -1.94 49.33
CA LEU A 8 -13.93 -0.90 48.61
C LEU A 8 -12.47 -1.30 48.39
N GLU A 9 -11.88 -0.79 47.32
CA GLU A 9 -10.47 -1.02 47.09
C GLU A 9 -9.64 -0.12 47.99
N ASN A 10 -8.64 -0.73 48.64
CA ASN A 10 -7.57 0.00 49.33
C ASN A 10 -6.83 0.91 48.36
N ASN A 11 -6.54 2.14 48.79
CA ASN A 11 -5.78 3.04 47.93
C ASN A 11 -4.27 2.86 48.10
N ALA A 12 -3.55 2.94 46.99
CA ALA A 12 -2.09 2.90 46.98
C ALA A 12 -1.64 4.10 46.16
N SER A 13 -1.60 5.27 46.80
CA SER A 13 -1.18 6.48 46.12
C SER A 13 0.34 6.57 46.06
N PHE A 14 0.98 6.63 47.23
CA PHE A 14 2.44 6.63 47.30
C PHE A 14 3.02 5.30 46.84
N SER A 15 2.32 4.18 47.09
CA SER A 15 2.83 2.87 46.73
C SER A 15 2.90 2.64 45.23
N LYS A 16 2.20 3.46 44.43
CA LYS A 16 2.38 3.41 42.98
C LYS A 16 3.71 4.02 42.55
N SER A 17 4.29 4.92 43.34
CA SER A 17 5.52 5.64 43.03
C SER A 17 6.80 4.86 43.33
N LEU A 18 6.69 3.73 44.04
CA LEU A 18 7.82 2.89 44.40
C LEU A 18 8.38 2.12 43.21
N ASN A 19 7.66 2.06 42.10
CA ASN A 19 8.14 1.40 40.90
C ASN A 19 8.97 2.33 40.03
N SER A 20 9.09 3.61 40.41
CA SER A 20 9.83 4.59 39.64
C SER A 20 11.34 4.42 39.78
N THR A 21 11.79 3.65 40.75
CA THR A 21 13.21 3.47 41.00
C THR A 21 13.70 2.24 40.23
N THR A 22 14.72 2.44 39.40
CA THR A 22 15.25 1.41 38.54
C THR A 22 16.77 1.33 38.72
N ARG A 23 17.34 0.17 38.37
CA ARG A 23 18.79 0.02 38.40
C ARG A 23 19.46 0.89 37.34
N SER A 24 18.99 0.80 36.10
CA SER A 24 19.53 1.55 34.99
C SER A 24 18.78 2.85 34.76
N HIS A 25 19.47 3.80 34.11
CA HIS A 25 18.77 4.99 33.61
C HIS A 25 17.90 4.63 32.41
N LYS A 26 18.41 3.77 31.51
CA LYS A 26 17.68 3.42 30.31
C LYS A 26 16.54 2.45 30.59
N CYS A 27 16.77 1.44 31.43
CA CYS A 27 15.78 0.42 31.72
C CYS A 27 14.71 0.95 32.67
N THR A 28 13.48 0.45 32.53
CA THR A 28 12.35 0.95 33.30
C THR A 28 11.72 -0.11 34.21
N LEU A 29 12.23 -1.33 34.20
CA LEU A 29 11.75 -2.38 35.09
C LEU A 29 12.05 -1.99 36.55
N PRO A 30 11.04 -1.99 37.42
CA PRO A 30 11.31 -1.65 38.82
C PRO A 30 12.20 -2.69 39.50
N ILE A 31 13.00 -2.19 40.45
CA ILE A 31 14.14 -2.92 40.99
C ILE A 31 13.75 -4.18 41.76
N TRP A 32 12.49 -4.29 42.21
CA TRP A 32 12.06 -5.49 42.92
C TRP A 32 12.02 -6.71 42.01
N ALA A 33 11.77 -6.50 40.71
CA ALA A 33 11.81 -7.55 39.72
C ALA A 33 13.08 -7.36 38.92
N GLY A 34 14.09 -8.19 39.16
CA GLY A 34 15.33 -7.98 38.46
C GLY A 34 16.50 -8.83 38.88
N ASP A 35 17.27 -9.30 37.89
CA ASP A 35 18.55 -9.95 38.13
C ASP A 35 19.62 -8.98 38.58
N GLY A 36 19.41 -7.68 38.38
CA GLY A 36 20.48 -6.73 38.33
C GLY A 36 21.07 -6.57 36.94
N GLU A 37 20.69 -7.43 36.00
CA GLU A 37 21.18 -7.40 34.64
C GLU A 37 20.12 -6.95 33.65
N GLY A 38 19.03 -6.36 34.13
CA GLY A 38 17.97 -5.90 33.27
C GLY A 38 16.96 -6.96 32.86
N ASN A 39 17.15 -8.20 33.29
CA ASN A 39 16.22 -9.28 33.03
C ASN A 39 15.27 -9.42 34.21
N VAL A 40 14.09 -10.00 33.96
CA VAL A 40 13.14 -10.23 35.04
C VAL A 40 13.62 -11.39 35.91
N SER A 41 13.36 -11.30 37.21
CA SER A 41 13.74 -12.40 38.11
C SER A 41 12.93 -13.65 37.75
N ASP A 42 13.38 -14.81 38.21
CA ASP A 42 12.61 -16.05 37.96
C ASP A 42 11.60 -16.23 39.10
N SER A 43 11.67 -15.34 40.09
CA SER A 43 10.75 -15.41 41.25
C SER A 43 9.54 -14.53 41.00
N VAL A 44 9.55 -13.76 39.91
CA VAL A 44 8.44 -12.79 39.68
C VAL A 44 7.26 -13.51 39.05
N THR A 45 6.04 -13.15 39.48
CA THR A 45 4.81 -13.76 38.94
C THR A 45 3.91 -12.63 38.44
N LEU A 46 3.11 -12.89 37.41
CA LEU A 46 2.16 -11.85 36.93
C LEU A 46 1.33 -11.39 38.14
N GLN A 47 1.08 -12.29 39.07
CA GLN A 47 0.32 -11.93 40.29
C GLN A 47 1.09 -10.84 41.03
N ASP A 48 2.42 -10.95 41.05
CA ASP A 48 3.25 -9.92 41.71
C ASP A 48 3.09 -8.59 40.98
N VAL A 49 3.08 -8.63 39.66
CA VAL A 49 2.94 -7.38 38.85
C VAL A 49 1.63 -6.72 39.25
N LEU A 50 0.56 -7.51 39.31
CA LEU A 50 -0.77 -6.96 39.68
C LEU A 50 -0.71 -6.45 41.11
N ALA A 51 -0.13 -7.25 42.00
CA ALA A 51 -0.08 -6.86 43.43
C ALA A 51 0.70 -5.56 43.58
N ASN A 52 1.77 -5.42 42.81
CA ASN A 52 2.61 -4.24 42.97
C ASN A 52 2.15 -3.05 42.13
N ASP A 53 1.10 -3.24 41.30
CA ASP A 53 0.58 -2.26 40.34
C ASP A 53 1.71 -1.78 39.41
N ALA A 54 2.31 -2.76 38.71
CA ALA A 54 3.48 -2.49 37.91
C ALA A 54 3.30 -2.99 36.47
N LEU A 55 2.08 -2.94 35.94
CA LEU A 55 1.83 -3.34 34.56
C LEU A 55 2.46 -2.34 33.58
N VAL A 56 2.29 -1.05 33.83
CA VAL A 56 2.86 -0.01 32.97
C VAL A 56 4.37 -0.09 32.98
N GLU A 57 4.95 -0.30 34.16
CA GLU A 57 6.39 -0.35 34.29
C GLU A 57 7.01 -1.59 33.66
N PHE A 58 6.30 -2.72 33.63
CA PHE A 58 6.87 -3.83 32.86
C PHE A 58 6.64 -3.64 31.38
N ALA A 59 5.52 -3.03 30.98
CA ALA A 59 5.23 -2.82 29.57
C ALA A 59 6.17 -1.81 28.93
N THR A 60 6.75 -0.90 29.73
CA THR A 60 7.76 0.02 29.21
C THR A 60 9.15 -0.59 29.07
N ASP A 61 9.42 -1.75 29.65
CA ASP A 61 10.72 -2.40 29.50
C ASP A 61 10.68 -3.35 28.31
N LYS A 62 11.85 -3.76 27.81
CA LYS A 62 11.90 -4.85 26.85
C LYS A 62 11.60 -6.18 27.52
N ASN A 63 12.34 -6.50 28.57
CA ASN A 63 12.23 -7.84 29.16
C ASN A 63 10.98 -7.98 29.99
N GLY A 64 10.55 -6.91 30.66
CA GLY A 64 9.28 -6.94 31.36
C GLY A 64 8.08 -7.11 30.44
N CYS A 65 8.09 -6.42 29.30
CA CYS A 65 7.00 -6.57 28.35
C CYS A 65 7.03 -7.94 27.68
N ARG A 66 8.22 -8.43 27.35
CA ARG A 66 8.32 -9.79 26.75
C ARG A 66 7.75 -10.80 27.74
N PHE A 67 8.03 -10.60 29.03
CA PHE A 67 7.51 -11.50 30.08
C PHE A 67 5.98 -11.46 30.03
N LEU A 68 5.42 -10.26 29.93
CA LEU A 68 3.95 -10.11 29.92
C LEU A 68 3.41 -10.87 28.72
N GLN A 69 3.99 -10.64 27.55
CA GLN A 69 3.48 -11.28 26.30
C GLN A 69 3.60 -12.79 26.44
N GLU A 70 4.66 -13.27 27.07
CA GLU A 70 4.90 -14.73 27.15
C GLU A 70 3.92 -15.40 28.10
N HIS A 71 3.62 -14.77 29.23
CA HIS A 71 2.79 -15.46 30.25
C HIS A 71 1.34 -14.95 30.29
N TYR A 72 0.99 -13.98 29.44
CA TYR A 72 -0.43 -13.54 29.40
C TYR A 72 -1.28 -14.74 28.98
N PRO A 73 -2.29 -15.14 29.77
CA PRO A 73 -3.11 -16.31 29.45
C PRO A 73 -3.93 -16.10 28.17
N THR A 74 -4.18 -17.16 27.40
CA THR A 74 -4.89 -17.01 26.14
C THR A 74 -6.41 -17.03 26.32
N GLU A 75 -6.91 -17.82 27.26
CA GLU A 75 -8.35 -17.92 27.45
C GLU A 75 -8.90 -16.67 28.14
N ASN A 76 -10.08 -16.25 27.68
CA ASN A 76 -10.72 -15.02 28.15
C ASN A 76 -11.35 -15.15 29.53
N ASP A 77 -11.59 -16.36 30.01
CA ASP A 77 -12.22 -16.57 31.31
C ASP A 77 -11.24 -16.74 32.46
N ASN A 78 -9.93 -16.73 32.20
CA ASN A 78 -8.94 -16.83 33.28
C ASN A 78 -8.92 -15.55 34.10
N ASP A 79 -8.72 -15.71 35.42
CA ASP A 79 -8.79 -14.58 36.34
C ASP A 79 -7.64 -13.61 36.12
N VAL A 80 -6.43 -14.14 35.86
CA VAL A 80 -5.26 -13.27 35.66
C VAL A 80 -5.39 -12.48 34.36
N HIS A 81 -5.94 -13.13 33.32
CA HIS A 81 -6.31 -12.45 32.07
C HIS A 81 -7.20 -11.25 32.32
N GLN A 82 -8.23 -11.44 33.15
CA GLN A 82 -9.19 -10.38 33.44
C GLN A 82 -8.55 -9.26 34.26
N LYS A 83 -7.73 -9.61 35.26
CA LYS A 83 -7.11 -8.61 36.11
C LYS A 83 -6.11 -7.76 35.34
N LEU A 84 -5.32 -8.41 34.48
CA LEU A 84 -4.38 -7.67 33.62
C LEU A 84 -5.11 -6.79 32.62
N PHE A 85 -6.19 -7.30 31.99
CA PHE A 85 -6.91 -6.49 31.02
C PHE A 85 -7.59 -5.30 31.69
N ARG A 86 -8.14 -5.50 32.89
CA ARG A 86 -8.70 -4.40 33.67
C ARG A 86 -7.65 -3.35 33.96
N LYS A 87 -6.45 -3.77 34.42
CA LYS A 87 -5.34 -2.84 34.69
C LYS A 87 -4.87 -2.10 33.44
N LEU A 88 -4.87 -2.78 32.29
CA LEU A 88 -4.56 -2.11 31.03
C LEU A 88 -5.54 -0.99 30.71
N VAL A 89 -6.85 -1.25 30.84
CA VAL A 89 -7.84 -0.32 30.28
C VAL A 89 -8.55 0.52 31.35
N GLU A 90 -8.13 0.47 32.63
CA GLU A 90 -8.71 1.34 33.68
C GLU A 90 -8.56 2.82 33.33
N ASP A 91 -7.36 3.24 32.94
CA ASP A 91 -7.11 4.62 32.57
C ASP A 91 -6.87 4.69 31.07
N ARG A 92 -7.63 5.56 30.40
CA ARG A 92 -7.49 5.78 28.97
C ARG A 92 -6.12 6.34 28.62
N ALA A 93 -5.64 7.28 29.44
CA ALA A 93 -4.37 7.93 29.16
C ALA A 93 -3.21 6.95 29.26
N ILE A 94 -3.24 6.05 30.25
CA ILE A 94 -2.12 5.10 30.36
C ILE A 94 -2.24 4.03 29.27
N PHE A 95 -3.47 3.74 28.83
CA PHE A 95 -3.66 2.83 27.70
C PHE A 95 -3.09 3.41 26.42
N LEU A 96 -3.39 4.67 26.14
CA LEU A 96 -2.92 5.27 24.90
C LEU A 96 -1.45 5.62 24.96
N SER A 97 -0.88 5.76 26.15
CA SER A 97 0.57 5.84 26.26
C SER A 97 1.22 4.51 25.93
N LEU A 98 0.67 3.40 26.47
CA LEU A 98 1.25 2.09 26.18
C LEU A 98 1.05 1.66 24.74
N CYS A 99 -0.01 2.16 24.08
CA CYS A 99 -0.11 1.97 22.63
C CYS A 99 0.99 2.72 21.91
N SER A 100 1.32 3.93 22.38
CA SER A 100 2.36 4.75 21.78
C SER A 100 3.77 4.36 22.24
N ASN A 101 3.88 3.29 23.03
CA ASN A 101 5.21 2.91 23.58
C ASN A 101 5.95 1.96 22.64
N MET A 102 7.23 2.22 22.39
CA MET A 102 8.06 1.34 21.57
C MET A 102 8.02 -0.11 22.05
N PHE A 103 7.82 -0.35 23.34
CA PHE A 103 7.72 -1.74 23.79
C PHE A 103 6.33 -2.19 24.16
N GLY A 104 5.49 -1.30 24.70
CA GLY A 104 4.18 -1.70 25.18
C GLY A 104 3.17 -2.03 24.10
N ASN A 105 3.44 -1.56 22.88
CA ASN A 105 2.51 -1.82 21.75
C ASN A 105 2.39 -3.32 21.55
N PHE A 106 3.51 -4.03 21.64
CA PHE A 106 3.53 -5.48 21.42
C PHE A 106 2.63 -6.18 22.43
N PHE A 107 2.58 -5.67 23.67
CA PHE A 107 1.66 -6.24 24.65
C PHE A 107 0.20 -5.90 24.33
N VAL A 108 -0.05 -4.67 23.85
CA VAL A 108 -1.41 -4.30 23.43
C VAL A 108 -1.85 -5.17 22.26
N GLN A 109 -0.88 -5.53 21.42
CA GLN A 109 -1.20 -6.44 20.29
C GLN A 109 -1.47 -7.83 20.84
N ARG A 110 -0.72 -8.27 21.85
CA ARG A 110 -0.99 -9.58 22.43
C ARG A 110 -2.39 -9.65 23.03
N VAL A 111 -2.84 -8.54 23.63
CA VAL A 111 -4.21 -8.46 24.14
C VAL A 111 -5.21 -8.55 22.99
N LEU A 112 -4.92 -7.85 21.88
CA LEU A 112 -5.77 -7.93 20.67
C LEU A 112 -5.83 -9.35 20.11
N GLU A 113 -4.70 -10.07 20.13
CA GLU A 113 -4.68 -11.47 19.72
C GLU A 113 -5.58 -12.31 20.62
N CYS A 114 -5.47 -12.12 21.93
CA CYS A 114 -6.29 -12.88 22.89
C CYS A 114 -7.54 -12.13 23.30
N SER A 115 -8.36 -11.70 22.36
CA SER A 115 -9.53 -10.89 22.72
C SER A 115 -10.81 -11.54 22.24
N ASN A 116 -11.87 -11.29 22.98
CA ASN A 116 -13.23 -11.56 22.56
C ASN A 116 -13.94 -10.23 22.30
N THR A 117 -15.22 -10.34 21.92
CA THR A 117 -16.02 -9.20 21.46
C THR A 117 -16.16 -8.12 22.54
N GLU A 118 -16.36 -8.57 23.79
CA GLU A 118 -16.56 -7.65 24.90
C GLU A 118 -15.34 -6.78 25.15
N GLU A 119 -14.16 -7.41 25.18
CA GLU A 119 -12.90 -6.68 25.35
C GLU A 119 -12.65 -5.72 24.19
N GLN A 120 -12.95 -6.18 22.97
CA GLN A 120 -12.82 -5.38 21.76
C GLN A 120 -13.64 -4.09 21.83
N GLU A 121 -14.79 -4.12 22.53
CA GLU A 121 -15.57 -2.89 22.73
C GLU A 121 -14.78 -1.83 23.51
N ILE A 122 -14.17 -2.20 24.64
CA ILE A 122 -13.41 -1.23 25.44
C ILE A 122 -12.22 -0.72 24.64
N LEU A 123 -11.53 -1.65 23.96
CA LEU A 123 -10.34 -1.30 23.19
C LEU A 123 -10.69 -0.34 22.05
N THR A 124 -11.85 -0.54 21.41
CA THR A 124 -12.27 0.30 20.30
C THR A 124 -12.62 1.70 20.76
N GLU A 125 -13.31 1.80 21.91
CA GLU A 125 -13.62 3.11 22.46
C GLU A 125 -12.37 3.87 22.86
N HIS A 126 -11.37 3.17 23.43
CA HIS A 126 -10.12 3.85 23.74
C HIS A 126 -9.39 4.31 22.50
N LEU A 127 -9.30 3.47 21.46
CA LEU A 127 -8.53 3.85 20.28
C LEU A 127 -9.20 5.00 19.51
N ALA A 128 -10.54 5.03 19.54
CA ALA A 128 -11.29 6.01 18.77
C ALA A 128 -11.03 7.45 19.21
N THR A 129 -10.72 7.67 20.50
CA THR A 129 -10.66 9.04 21.01
C THR A 129 -9.50 9.84 20.43
N ASP A 130 -8.44 9.15 19.96
CA ASP A 130 -7.32 9.87 19.38
C ASP A 130 -6.73 9.07 18.21
N LEU A 131 -7.59 8.33 17.47
CA LEU A 131 -7.20 7.44 16.38
C LEU A 131 -6.22 8.06 15.39
N TYR A 132 -6.48 9.29 14.94
CA TYR A 132 -5.67 9.92 13.90
C TYR A 132 -4.22 10.08 14.34
N ASN A 133 -4.02 10.57 15.56
CA ASN A 133 -2.66 10.69 16.08
C ASN A 133 -2.07 9.34 16.47
N LEU A 134 -2.89 8.41 16.97
CA LEU A 134 -2.41 7.07 17.29
C LEU A 134 -1.86 6.33 16.08
N CYS A 135 -2.52 6.52 14.94
CA CYS A 135 -2.07 5.86 13.68
C CYS A 135 -0.96 6.66 13.03
N LEU A 136 -0.72 7.90 13.48
CA LEU A 136 0.42 8.69 12.94
C LEU A 136 1.69 8.30 13.70
N ASP A 137 1.53 7.63 14.85
CA ASP A 137 2.69 7.23 15.68
C ASP A 137 3.26 5.91 15.14
N LYS A 138 4.59 5.80 15.14
CA LYS A 138 5.27 4.61 14.60
C LYS A 138 4.88 3.36 15.39
N SER A 139 4.62 3.52 16.69
CA SER A 139 4.35 2.33 17.53
C SER A 139 2.86 1.96 17.46
N ALA A 140 1.97 2.93 17.65
CA ALA A 140 0.52 2.61 17.71
C ALA A 140 -0.02 2.21 16.34
N CYS A 141 0.57 2.75 15.27
CA CYS A 141 0.08 2.44 13.91
C CYS A 141 -0.06 0.92 13.80
N ARG A 142 0.85 0.18 14.44
CA ARG A 142 0.82 -1.29 14.39
C ARG A 142 -0.41 -1.78 15.15
N VAL A 143 -0.63 -1.25 16.34
CA VAL A 143 -1.82 -1.62 17.12
C VAL A 143 -3.10 -1.36 16.32
N ILE A 144 -3.16 -0.20 15.64
CA ILE A 144 -4.34 0.15 14.86
C ILE A 144 -4.55 -0.84 13.72
N GLN A 145 -3.45 -1.31 13.16
CA GLN A 145 -3.55 -2.27 12.03
C GLN A 145 -3.97 -3.65 12.57
N LEU A 146 -3.50 -4.02 13.75
CA LEU A 146 -3.94 -5.31 14.27
C LEU A 146 -5.38 -5.23 14.75
N ALA A 147 -5.83 -4.03 15.12
CA ALA A 147 -7.25 -3.80 15.39
C ALA A 147 -8.08 -3.99 14.12
N ILE A 148 -7.71 -3.31 13.02
CA ILE A 148 -8.42 -3.45 11.74
C ILE A 148 -8.37 -4.90 11.23
N GLN A 149 -7.31 -5.64 11.58
CA GLN A 149 -7.27 -7.06 11.27
C GLN A 149 -8.26 -7.86 12.13
N LYS A 150 -8.24 -7.66 13.45
CA LYS A 150 -8.75 -8.66 14.36
C LYS A 150 -10.15 -8.38 14.89
N LEU A 151 -10.58 -7.11 14.89
CA LEU A 151 -11.87 -6.71 15.43
C LEU A 151 -13.03 -7.30 14.63
N ASP A 152 -14.20 -7.28 15.26
CA ASP A 152 -15.46 -7.43 14.57
C ASP A 152 -15.66 -6.23 13.64
N VAL A 153 -16.31 -6.48 12.50
CA VAL A 153 -16.30 -5.54 11.37
C VAL A 153 -16.99 -4.21 11.72
N HIS A 154 -18.00 -4.23 12.61
CA HIS A 154 -18.63 -2.97 12.99
C HIS A 154 -17.74 -2.13 13.91
N LEU A 155 -16.96 -2.78 14.77
CA LEU A 155 -16.00 -2.05 15.60
C LEU A 155 -14.89 -1.42 14.75
N ALA A 156 -14.37 -2.19 13.79
CA ALA A 156 -13.36 -1.67 12.87
C ALA A 156 -13.93 -0.59 11.98
N THR A 157 -15.23 -0.66 11.68
CA THR A 157 -15.90 0.35 10.86
C THR A 157 -16.06 1.66 11.61
N ARG A 158 -16.43 1.57 12.89
CA ARG A 158 -16.41 2.74 13.78
C ARG A 158 -15.03 3.40 13.83
N LEU A 159 -13.96 2.59 13.98
CA LEU A 159 -12.60 3.15 13.95
C LEU A 159 -12.29 3.82 12.62
N SER A 160 -12.53 3.12 11.51
CA SER A 160 -12.28 3.67 10.18
C SER A 160 -13.03 4.99 9.95
N LEU A 161 -14.30 5.04 10.33
CA LEU A 161 -15.09 6.26 10.21
C LEU A 161 -14.68 7.36 11.19
N GLU A 162 -13.87 7.06 12.22
CA GLU A 162 -13.31 8.15 13.02
C GLU A 162 -12.38 9.06 12.23
N LEU A 163 -11.85 8.59 11.10
CA LEU A 163 -10.95 9.37 10.26
C LEU A 163 -11.70 10.21 9.22
N ARG A 164 -13.01 10.42 9.41
CA ARG A 164 -13.89 10.88 8.32
C ARG A 164 -13.54 12.28 7.83
N ASP A 165 -13.31 13.22 8.74
CA ASP A 165 -13.07 14.60 8.36
C ASP A 165 -11.67 15.07 8.76
N THR A 166 -10.69 14.18 8.67
CA THR A 166 -9.32 14.49 9.05
C THR A 166 -8.47 14.82 7.82
N HIS A 167 -7.25 15.29 8.08
CA HIS A 167 -6.29 15.67 7.02
C HIS A 167 -5.72 14.40 6.40
N LEU A 168 -6.48 13.83 5.46
CA LEU A 168 -6.18 12.50 4.94
C LEU A 168 -5.07 12.49 3.90
N VAL A 169 -4.73 13.64 3.29
CA VAL A 169 -3.50 13.71 2.51
C VAL A 169 -2.30 13.49 3.43
N ARG A 170 -2.27 14.21 4.54
CA ARG A 170 -1.18 14.16 5.52
C ARG A 170 -1.05 12.76 6.11
N LEU A 171 -2.17 12.09 6.35
CA LEU A 171 -2.14 10.73 6.87
C LEU A 171 -1.75 9.72 5.80
N SER A 172 -2.18 9.96 4.54
CA SER A 172 -1.88 9.02 3.47
C SER A 172 -0.41 9.08 3.05
N ILE A 173 0.20 10.27 3.13
CA ILE A 173 1.60 10.38 2.72
C ILE A 173 2.55 10.13 3.89
N ASP A 174 2.02 10.00 5.11
CA ASP A 174 2.81 9.73 6.30
C ASP A 174 3.48 8.36 6.20
N GLN A 175 4.68 8.25 6.77
CA GLN A 175 5.44 7.00 6.72
C GLN A 175 4.79 5.87 7.51
N ASN A 176 3.86 6.19 8.41
CA ASN A 176 3.22 5.21 9.26
C ASN A 176 1.75 5.01 8.95
N GLY A 177 1.04 6.12 8.70
CA GLY A 177 -0.39 6.04 8.46
C GLY A 177 -0.78 5.50 7.11
N ASN A 178 0.18 5.51 6.18
CA ASN A 178 -0.07 4.92 4.83
C ASN A 178 -0.42 3.46 5.02
N HIS A 179 0.39 2.75 5.80
CA HIS A 179 0.16 1.33 6.02
C HIS A 179 -1.17 1.08 6.71
N VAL A 180 -1.60 2.02 7.57
CA VAL A 180 -2.91 1.92 8.21
C VAL A 180 -4.03 2.04 7.18
N ILE A 181 -3.96 3.07 6.33
CA ILE A 181 -4.99 3.29 5.31
C ILE A 181 -5.00 2.16 4.29
N GLN A 182 -3.81 1.66 3.95
CA GLN A 182 -3.75 0.50 3.04
C GLN A 182 -4.41 -0.68 3.73
N LYS A 183 -4.13 -0.87 5.01
CA LYS A 183 -4.67 -2.01 5.74
C LYS A 183 -6.20 -1.95 5.80
N ILE A 184 -6.75 -0.74 5.97
CA ILE A 184 -8.20 -0.55 5.96
C ILE A 184 -8.78 -0.90 4.60
N VAL A 185 -8.21 -0.36 3.53
CA VAL A 185 -8.81 -0.58 2.22
C VAL A 185 -8.55 -1.98 1.68
N LYS A 186 -7.53 -2.68 2.17
CA LYS A 186 -7.36 -4.07 1.77
C LYS A 186 -8.07 -5.02 2.72
N THR A 187 -8.57 -4.52 3.84
CA THR A 187 -9.20 -5.37 4.84
C THR A 187 -10.70 -5.16 4.95
N LEU A 188 -11.15 -3.92 5.21
CA LEU A 188 -12.56 -3.71 5.50
C LEU A 188 -13.40 -3.66 4.23
N PRO A 189 -14.68 -4.07 4.30
CA PRO A 189 -15.58 -3.88 3.15
C PRO A 189 -15.81 -2.41 2.87
N VAL A 190 -16.05 -2.11 1.57
CA VAL A 190 -15.84 -0.79 0.96
C VAL A 190 -16.69 0.29 1.64
N SER A 191 -17.88 -0.09 2.14
CA SER A 191 -18.76 0.80 2.89
C SER A 191 -18.12 1.38 4.14
N SER A 192 -17.11 0.70 4.70
CA SER A 192 -16.41 1.21 5.88
C SER A 192 -15.49 2.39 5.55
N TRP A 193 -15.14 2.59 4.27
CA TRP A 193 -14.18 3.62 3.88
C TRP A 193 -14.52 4.33 2.58
N THR A 194 -15.83 4.47 2.27
CA THR A 194 -16.26 5.25 1.10
C THR A 194 -15.88 6.73 1.21
N PHE A 195 -15.71 7.23 2.43
CA PHE A 195 -15.31 8.61 2.65
C PHE A 195 -13.92 8.89 2.09
N LEU A 196 -13.04 7.88 2.05
CA LEU A 196 -11.78 8.02 1.34
C LEU A 196 -11.99 8.28 -0.14
N VAL A 197 -12.87 7.51 -0.77
CA VAL A 197 -13.07 7.65 -2.21
C VAL A 197 -13.67 9.02 -2.52
N ASP A 198 -14.57 9.48 -1.63
CA ASP A 198 -15.06 10.86 -1.71
C ASP A 198 -13.96 11.88 -1.49
N PHE A 199 -12.98 11.56 -0.64
CA PHE A 199 -11.86 12.48 -0.40
C PHE A 199 -10.98 12.61 -1.65
N PHE A 200 -10.77 11.51 -2.35
CA PHE A 200 -9.94 11.56 -3.54
C PHE A 200 -10.73 11.87 -4.80
N ALA A 201 -12.03 12.13 -4.68
CA ALA A 201 -12.75 12.77 -5.77
C ALA A 201 -12.19 14.16 -6.09
N ASP A 202 -11.59 14.84 -5.11
CA ASP A 202 -10.84 16.04 -5.37
C ASP A 202 -9.61 15.71 -6.21
N ASP A 203 -9.30 16.60 -7.17
CA ASP A 203 -8.09 16.42 -7.96
C ASP A 203 -6.84 16.67 -7.13
N ASP A 204 -6.82 17.73 -6.32
CA ASP A 204 -5.62 18.11 -5.59
C ASP A 204 -5.21 17.08 -4.56
N ASN A 205 -6.19 16.54 -3.83
CA ASN A 205 -5.92 15.47 -2.87
C ASN A 205 -5.36 14.24 -3.57
N LEU A 206 -5.96 13.89 -4.71
CA LEU A 206 -5.53 12.72 -5.47
C LEU A 206 -4.11 12.90 -6.01
N ILE A 207 -3.78 14.10 -6.50
CA ILE A 207 -2.44 14.35 -7.04
C ILE A 207 -1.40 14.29 -5.95
N HIS A 208 -1.63 15.01 -4.83
CA HIS A 208 -0.64 15.04 -3.76
C HIS A 208 -0.45 13.68 -3.10
N VAL A 209 -1.47 12.82 -3.10
CA VAL A 209 -1.25 11.48 -2.57
C VAL A 209 -0.57 10.58 -3.61
N CYS A 210 -0.98 10.65 -4.88
CA CYS A 210 -0.39 9.79 -5.90
C CYS A 210 1.07 10.12 -6.18
N GLN A 211 1.44 11.39 -6.02
CA GLN A 211 2.82 11.82 -6.22
C GLN A 211 3.60 11.67 -4.91
N ASP A 212 3.67 10.44 -4.43
CA ASP A 212 4.45 10.09 -3.25
C ASP A 212 4.77 8.61 -3.30
N LYS A 213 5.92 8.27 -2.69
CA LYS A 213 6.35 6.85 -2.64
C LYS A 213 5.36 6.08 -1.79
N TYR A 214 4.75 6.74 -0.82
CA TYR A 214 3.84 6.03 0.06
C TYR A 214 2.41 6.08 -0.42
N GLY A 215 1.94 7.25 -0.84
CA GLY A 215 0.55 7.39 -1.22
C GLY A 215 0.20 6.72 -2.54
N CYS A 216 1.19 6.50 -3.41
CA CYS A 216 0.89 5.80 -4.66
C CYS A 216 0.50 4.35 -4.38
N ARG A 217 1.12 3.73 -3.38
CA ARG A 217 0.78 2.35 -3.06
C ARG A 217 -0.59 2.24 -2.42
N VAL A 218 -1.00 3.24 -1.61
CA VAL A 218 -2.35 3.16 -1.05
C VAL A 218 -3.40 3.42 -2.12
N ILE A 219 -3.10 4.31 -3.09
CA ILE A 219 -4.02 4.53 -4.21
C ILE A 219 -4.16 3.25 -5.03
N GLN A 220 -3.06 2.55 -5.21
CA GLN A 220 -3.15 1.26 -5.94
C GLN A 220 -4.02 0.31 -5.14
N SER A 221 -3.83 0.24 -3.83
CA SER A 221 -4.57 -0.74 -3.03
C SER A 221 -6.08 -0.45 -3.07
N THR A 222 -6.45 0.83 -3.01
CA THR A 222 -7.86 1.21 -3.14
C THR A 222 -8.41 0.87 -4.53
N VAL A 223 -7.67 1.18 -5.59
CA VAL A 223 -8.13 0.89 -6.95
C VAL A 223 -8.24 -0.60 -7.18
N GLU A 224 -7.28 -1.37 -6.66
CA GLU A 224 -7.31 -2.81 -6.84
C GLU A 224 -8.45 -3.43 -6.03
N THR A 225 -8.84 -2.81 -4.91
CA THR A 225 -10.00 -3.28 -4.15
C THR A 225 -11.30 -2.95 -4.86
N LEU A 226 -11.44 -1.72 -5.36
CA LEU A 226 -12.66 -1.28 -6.02
C LEU A 226 -12.90 -2.02 -7.33
N SER A 227 -11.83 -2.40 -8.03
CA SER A 227 -11.97 -3.08 -9.31
C SER A 227 -12.36 -4.55 -9.15
N THR A 228 -11.83 -5.23 -8.13
CA THR A 228 -12.02 -6.68 -8.01
C THR A 228 -13.41 -6.97 -7.45
N ASP A 229 -14.37 -7.09 -8.36
CA ASP A 229 -15.66 -7.68 -8.09
C ASP A 229 -15.97 -8.69 -9.20
N GLN A 230 -17.15 -9.32 -9.10
CA GLN A 230 -17.60 -10.26 -10.16
C GLN A 230 -19.12 -10.12 -10.29
N TYR A 231 -19.74 -9.36 -9.40
CA TYR A 231 -21.21 -9.13 -9.47
C TYR A 231 -21.49 -8.02 -10.50
N ALA A 232 -21.13 -8.26 -11.76
CA ALA A 232 -21.34 -7.27 -12.83
C ALA A 232 -22.84 -7.08 -13.08
N GLN A 233 -23.26 -5.87 -13.46
CA GLN A 233 -24.70 -5.57 -13.71
C GLN A 233 -25.49 -5.59 -12.40
N CYS A 234 -25.44 -6.70 -11.66
CA CYS A 234 -26.12 -6.81 -10.36
C CYS A 234 -25.73 -5.61 -9.49
N TYR A 235 -26.38 -4.45 -9.69
CA TYR A 235 -26.03 -3.22 -8.93
C TYR A 235 -24.62 -2.76 -9.36
N GLN A 236 -24.14 -1.64 -8.84
CA GLN A 236 -22.84 -1.09 -9.33
C GLN A 236 -22.20 -0.12 -8.34
N HIS A 237 -22.44 -0.27 -7.03
CA HIS A 237 -21.90 0.76 -6.11
C HIS A 237 -20.41 1.00 -6.37
N ARG A 238 -19.60 -0.06 -6.30
CA ARG A 238 -18.14 0.10 -6.46
C ARG A 238 -17.86 0.80 -7.79
N VAL A 239 -18.60 0.45 -8.84
CA VAL A 239 -18.35 1.04 -10.18
C VAL A 239 -18.42 2.56 -10.05
N ILE A 240 -19.48 3.05 -9.42
CA ILE A 240 -19.66 4.53 -9.30
C ILE A 240 -18.48 5.09 -8.51
N LEU A 241 -18.13 4.43 -7.41
CA LEU A 241 -16.96 4.87 -6.61
C LEU A 241 -15.73 4.91 -7.51
N LEU A 242 -15.36 3.77 -8.08
CA LEU A 242 -14.17 3.69 -8.98
C LEU A 242 -14.24 4.85 -9.96
N ARG A 243 -15.37 5.00 -10.65
CA ARG A 243 -15.49 6.07 -11.67
C ARG A 243 -15.06 7.39 -11.05
N SER A 244 -15.66 7.77 -9.94
CA SER A 244 -15.32 9.08 -9.36
C SER A 244 -13.84 9.20 -9.05
N LEU A 245 -13.18 8.08 -8.76
CA LEU A 245 -11.73 8.10 -8.54
C LEU A 245 -10.97 8.17 -9.87
N MET A 246 -11.31 7.28 -10.81
CA MET A 246 -10.63 7.23 -12.10
C MET A 246 -10.87 8.47 -12.94
N ALA A 247 -11.83 9.29 -12.55
CA ALA A 247 -12.02 10.56 -13.28
C ALA A 247 -10.74 11.39 -13.17
N GLY A 248 -10.28 11.61 -11.94
CA GLY A 248 -9.08 12.44 -11.73
C GLY A 248 -7.86 11.78 -12.36
N VAL A 249 -7.68 10.49 -12.13
CA VAL A 249 -6.56 9.76 -12.75
C VAL A 249 -6.54 10.12 -14.23
N THR A 250 -7.69 10.02 -14.90
CA THR A 250 -7.72 10.26 -16.36
C THR A 250 -7.65 11.75 -16.66
N ARG A 251 -7.82 12.60 -15.66
CA ARG A 251 -7.87 14.06 -15.95
C ARG A 251 -6.52 14.70 -15.68
N ASN A 252 -5.69 14.05 -14.87
CA ASN A 252 -4.33 14.57 -14.62
C ASN A 252 -3.32 13.55 -15.13
N CYS A 253 -3.80 12.56 -15.88
CA CYS A 253 -2.94 11.47 -16.39
C CYS A 253 -1.57 12.00 -16.80
N THR A 254 -1.52 12.88 -17.80
CA THR A 254 -0.22 13.35 -18.32
C THR A 254 0.74 13.57 -17.16
N GLN A 255 0.38 14.45 -16.22
CA GLN A 255 1.28 14.76 -15.09
C GLN A 255 1.59 13.48 -14.33
N LEU A 256 0.57 12.79 -13.86
CA LEU A 256 0.79 11.60 -13.00
C LEU A 256 1.66 10.57 -13.73
N ALA A 257 1.47 10.41 -15.03
CA ALA A 257 2.20 9.35 -15.77
C ALA A 257 3.69 9.66 -15.83
N SER A 258 4.05 10.93 -15.86
CA SER A 258 5.47 11.32 -15.97
C SER A 258 6.03 11.66 -14.59
N ASN A 259 5.41 11.14 -13.53
CA ASN A 259 5.84 11.45 -12.15
C ASN A 259 6.62 10.27 -11.58
N GLU A 260 7.52 10.54 -10.64
CA GLU A 260 8.38 9.49 -10.04
C GLU A 260 7.54 8.38 -9.40
N PHE A 261 6.33 8.70 -8.94
CA PHE A 261 5.62 7.69 -8.18
C PHE A 261 4.22 7.43 -8.74
N ALA A 262 3.59 8.45 -9.31
CA ALA A 262 2.23 8.28 -9.81
C ALA A 262 2.19 7.46 -11.11
N ASN A 263 3.36 7.23 -11.69
CA ASN A 263 3.44 6.38 -12.91
C ASN A 263 3.02 4.97 -12.51
N TYR A 264 3.38 4.55 -11.32
CA TYR A 264 3.05 3.20 -10.87
C TYR A 264 1.56 3.01 -10.78
N VAL A 265 0.84 4.06 -10.39
CA VAL A 265 -0.62 4.06 -10.37
C VAL A 265 -1.15 3.92 -11.80
N VAL A 266 -0.62 4.74 -12.73
CA VAL A 266 -1.04 4.69 -14.13
C VAL A 266 -0.78 3.30 -14.73
N GLN A 267 0.36 2.70 -14.41
CA GLN A 267 0.59 1.34 -14.96
C GLN A 267 -0.25 0.31 -14.22
N HIS A 268 -0.64 0.57 -12.97
CA HIS A 268 -1.50 -0.38 -12.29
C HIS A 268 -2.88 -0.43 -12.92
N VAL A 269 -3.38 0.72 -13.37
CA VAL A 269 -4.68 0.71 -14.01
C VAL A 269 -4.56 0.21 -15.46
N ILE A 270 -3.38 0.29 -16.07
CA ILE A 270 -3.21 -0.31 -17.40
C ILE A 270 -3.10 -1.82 -17.30
N LYS A 271 -2.47 -2.30 -16.23
CA LYS A 271 -2.24 -3.76 -16.11
C LYS A 271 -3.55 -4.47 -15.78
N CYS A 272 -4.28 -4.00 -14.77
CA CYS A 272 -5.58 -4.63 -14.41
C CYS A 272 -6.53 -4.48 -15.60
N GLY A 273 -6.83 -5.58 -16.28
CA GLY A 273 -7.66 -5.49 -17.51
C GLY A 273 -9.04 -6.05 -17.32
N ASP A 274 -9.71 -5.68 -16.22
CA ASP A 274 -11.11 -6.13 -16.04
C ASP A 274 -11.99 -4.89 -15.95
N ALA A 275 -12.11 -4.33 -14.75
CA ALA A 275 -13.00 -3.16 -14.56
C ALA A 275 -12.26 -1.89 -14.95
N LEU A 276 -10.94 -1.99 -15.14
CA LEU A 276 -10.14 -0.77 -15.43
C LEU A 276 -9.83 -0.70 -16.93
N ALA A 277 -10.23 -1.73 -17.67
CA ALA A 277 -9.95 -1.77 -19.12
C ALA A 277 -10.40 -0.47 -19.78
N VAL A 278 -11.62 -0.04 -19.50
CA VAL A 278 -12.17 1.19 -20.12
C VAL A 278 -11.21 2.34 -19.82
N TYR A 279 -10.81 2.45 -18.57
CA TYR A 279 -9.90 3.55 -18.16
C TYR A 279 -8.53 3.36 -18.82
N ARG A 280 -8.03 2.13 -18.86
CA ARG A 280 -6.77 1.87 -19.57
C ARG A 280 -6.88 2.50 -20.96
N ASP A 281 -7.92 2.13 -21.69
CA ASP A 281 -8.09 2.64 -23.07
C ASP A 281 -8.09 4.17 -23.03
N ILE A 282 -8.84 4.77 -22.11
CA ILE A 282 -8.92 6.26 -22.03
C ILE A 282 -7.51 6.80 -21.80
N ILE A 283 -6.84 6.32 -20.76
CA ILE A 283 -5.47 6.80 -20.43
C ILE A 283 -4.63 6.81 -21.70
N ILE A 284 -4.63 5.70 -22.43
CA ILE A 284 -3.88 5.62 -23.70
C ILE A 284 -4.36 6.74 -24.62
N GLU A 285 -5.68 6.85 -24.81
CA GLU A 285 -6.20 7.82 -25.76
C GLU A 285 -5.93 9.27 -25.35
N GLN A 286 -5.77 9.55 -24.05
CA GLN A 286 -5.69 10.94 -23.60
C GLN A 286 -4.27 11.43 -23.36
N CYS A 287 -3.40 10.65 -22.71
CA CYS A 287 -2.05 11.17 -22.49
C CYS A 287 -0.99 10.54 -23.37
N LEU A 288 -1.23 9.35 -23.90
CA LEU A 288 -0.20 8.59 -24.59
C LEU A 288 -0.18 8.82 -26.09
N LEU A 289 -1.34 8.94 -26.72
CA LEU A 289 -1.45 8.55 -28.12
C LEU A 289 -1.15 9.70 -29.09
N GLN A 290 -0.61 10.81 -28.59
CA GLN A 290 0.11 11.77 -29.40
C GLN A 290 1.48 12.11 -28.81
N ASN A 291 1.92 11.34 -27.82
CA ASN A 291 3.11 11.68 -27.04
C ASN A 291 4.03 10.48 -26.81
N LEU A 292 3.99 9.47 -27.69
CA LEU A 292 4.69 8.21 -27.42
C LEU A 292 6.21 8.38 -27.44
N LEU A 293 6.75 9.10 -28.42
CA LEU A 293 8.18 9.32 -28.49
C LEU A 293 8.69 10.10 -27.28
N SER A 294 7.99 11.20 -26.97
CA SER A 294 8.38 12.06 -25.86
C SER A 294 8.30 11.31 -24.53
N MET A 295 7.25 10.51 -24.34
CA MET A 295 7.17 9.76 -23.09
C MET A 295 8.11 8.57 -23.05
N SER A 296 8.45 7.98 -24.21
CA SER A 296 9.41 6.88 -24.20
C SER A 296 10.82 7.35 -23.89
N GLN A 297 11.12 8.62 -24.12
CA GLN A 297 12.42 9.17 -23.73
C GLN A 297 12.50 9.65 -22.28
N GLU A 298 11.44 9.50 -21.49
CA GLU A 298 11.46 9.91 -20.09
C GLU A 298 11.77 8.69 -19.21
N LYS A 299 12.47 8.92 -18.09
CA LYS A 299 12.89 7.77 -17.29
C LYS A 299 11.70 7.11 -16.59
N TYR A 300 10.65 7.88 -16.33
CA TYR A 300 9.48 7.38 -15.63
C TYR A 300 8.37 6.96 -16.60
N ALA A 301 8.05 7.82 -17.56
CA ALA A 301 6.97 7.57 -18.50
C ALA A 301 7.25 6.41 -19.46
N SER A 302 8.52 6.05 -19.69
CA SER A 302 8.82 4.95 -20.60
C SER A 302 8.32 3.62 -20.08
N HIS A 303 8.28 3.45 -18.75
CA HIS A 303 7.68 2.27 -18.16
C HIS A 303 6.18 2.21 -18.43
N VAL A 304 5.51 3.38 -18.39
CA VAL A 304 4.09 3.46 -18.70
C VAL A 304 3.82 3.13 -20.17
N VAL A 305 4.67 3.62 -21.08
CA VAL A 305 4.53 3.26 -22.50
C VAL A 305 4.80 1.78 -22.72
N GLU A 306 5.71 1.20 -21.93
CA GLU A 306 6.00 -0.22 -22.03
C GLU A 306 4.79 -1.06 -21.61
N VAL A 307 4.14 -0.71 -20.50
CA VAL A 307 2.99 -1.50 -20.08
C VAL A 307 1.75 -1.16 -20.93
N ALA A 308 1.74 0.02 -21.58
CA ALA A 308 0.67 0.31 -22.53
C ALA A 308 0.78 -0.56 -23.77
N PHE A 309 1.99 -0.71 -24.33
CA PHE A 309 2.17 -1.67 -25.42
C PHE A 309 1.90 -3.09 -24.97
N GLU A 310 2.21 -3.43 -23.73
CA GLU A 310 1.93 -4.77 -23.23
C GLU A 310 0.42 -5.06 -23.16
N CYS A 311 -0.37 -4.09 -22.68
CA CYS A 311 -1.74 -4.39 -22.26
C CYS A 311 -2.84 -3.77 -23.11
N ALA A 312 -2.47 -2.97 -24.11
CA ALA A 312 -3.49 -2.29 -24.92
C ALA A 312 -4.20 -3.29 -25.83
N PRO A 313 -5.43 -2.99 -26.29
CA PRO A 313 -6.10 -3.86 -27.23
C PRO A 313 -5.66 -3.55 -28.66
N TYR A 314 -5.78 -4.52 -29.57
CA TYR A 314 -5.30 -4.34 -30.95
C TYR A 314 -5.68 -2.95 -31.46
N ARG A 315 -6.96 -2.59 -31.32
CA ARG A 315 -7.44 -1.30 -31.87
C ARG A 315 -6.48 -0.17 -31.49
N LEU A 316 -5.95 -0.21 -30.28
CA LEU A 316 -5.09 0.91 -29.84
C LEU A 316 -3.65 0.57 -30.19
N VAL A 317 -3.25 -0.68 -29.97
CA VAL A 317 -1.91 -1.09 -30.37
C VAL A 317 -1.62 -0.62 -31.78
N ALA A 318 -2.61 -0.70 -32.67
CA ALA A 318 -2.42 -0.27 -34.05
C ALA A 318 -2.20 1.24 -34.16
N GLU A 319 -2.89 2.03 -33.33
CA GLU A 319 -2.69 3.47 -33.43
C GLU A 319 -1.33 3.84 -32.86
N MET A 320 -0.89 3.12 -31.83
CA MET A 320 0.44 3.33 -31.26
C MET A 320 1.52 2.99 -32.27
N MET A 321 1.36 1.86 -32.98
CA MET A 321 2.33 1.43 -33.98
C MET A 321 2.42 2.43 -35.13
N ASN A 322 1.27 2.91 -35.61
CA ASN A 322 1.31 3.92 -36.68
C ASN A 322 1.91 5.24 -36.20
N GLU A 323 1.76 5.55 -34.91
CA GLU A 323 2.41 6.79 -34.41
C GLU A 323 3.93 6.66 -34.53
N ILE A 324 4.50 5.57 -34.02
CA ILE A 324 5.98 5.43 -33.99
C ILE A 324 6.50 5.30 -35.42
N PHE A 325 5.80 4.52 -36.24
CA PHE A 325 6.32 4.24 -37.60
C PHE A 325 6.13 5.44 -38.53
N GLU A 326 4.99 6.13 -38.45
CA GLU A 326 4.76 7.19 -39.45
C GLU A 326 4.01 8.39 -38.85
N GLY A 327 4.23 8.71 -37.57
CA GLY A 327 3.45 9.79 -36.96
C GLY A 327 4.24 11.06 -36.73
N TYR A 328 5.56 10.99 -36.83
CA TYR A 328 6.40 12.17 -36.50
C TYR A 328 7.14 12.64 -37.75
N ILE A 329 7.47 13.93 -37.81
CA ILE A 329 8.23 14.51 -38.95
C ILE A 329 9.73 14.36 -38.66
N PRO A 330 10.52 13.74 -39.56
CA PRO A 330 11.94 13.50 -39.32
C PRO A 330 12.73 14.76 -38.92
N HIS A 331 13.72 14.60 -38.05
CA HIS A 331 14.55 15.74 -37.58
C HIS A 331 15.14 16.48 -38.76
N PRO A 332 15.09 17.82 -38.80
CA PRO A 332 15.57 18.57 -39.99
C PRO A 332 17.05 18.46 -40.25
N ASP A 333 17.85 18.12 -39.24
CA ASP A 333 19.30 17.95 -39.38
C ASP A 333 19.68 16.48 -39.56
N THR A 334 19.27 15.62 -38.62
CA THR A 334 19.70 14.22 -38.63
C THR A 334 18.88 13.33 -39.54
N ASN A 335 17.67 13.77 -39.93
CA ASN A 335 16.74 13.04 -40.81
C ASN A 335 16.39 11.66 -40.25
N ARG A 336 16.09 11.62 -38.97
CA ARG A 336 15.72 10.36 -38.36
C ARG A 336 14.37 10.46 -37.66
N ASP A 337 13.63 9.35 -37.66
CA ASP A 337 12.26 9.29 -37.20
C ASP A 337 12.19 8.89 -35.73
N ALA A 338 11.00 8.52 -35.25
CA ALA A 338 10.87 8.13 -33.85
C ALA A 338 11.50 6.78 -33.58
N LEU A 339 11.42 5.86 -34.55
CA LEU A 339 11.97 4.52 -34.35
C LEU A 339 13.49 4.54 -34.27
N ASP A 340 14.14 5.35 -35.13
CA ASP A 340 15.58 5.56 -35.11
C ASP A 340 16.04 6.10 -33.78
N ILE A 341 15.26 7.04 -33.22
CA ILE A 341 15.61 7.62 -31.93
C ILE A 341 15.48 6.59 -30.82
N LEU A 342 14.37 5.85 -30.81
CA LEU A 342 14.13 4.94 -29.70
C LEU A 342 15.02 3.70 -29.76
N LEU A 343 15.61 3.37 -30.92
CA LEU A 343 16.61 2.31 -30.95
C LEU A 343 17.87 2.67 -30.16
N PHE A 344 18.32 3.92 -30.28
CA PHE A 344 19.61 4.27 -29.62
C PHE A 344 19.36 5.11 -28.38
N HIS A 345 18.22 4.90 -27.71
CA HIS A 345 17.92 5.65 -26.47
C HIS A 345 18.08 4.73 -25.26
N GLN A 346 18.54 5.28 -24.14
CA GLN A 346 18.80 4.46 -22.93
C GLN A 346 17.47 3.97 -22.36
N TYR A 347 16.38 4.63 -22.71
CA TYR A 347 15.05 4.25 -22.19
C TYR A 347 14.21 3.70 -23.34
N GLY A 348 14.24 4.39 -24.48
CA GLY A 348 13.41 3.97 -25.62
C GLY A 348 13.65 2.52 -26.00
N ASN A 349 14.90 2.08 -25.89
CA ASN A 349 15.23 0.69 -26.30
C ASN A 349 14.20 -0.23 -25.66
N TYR A 350 13.90 -0.02 -24.38
CA TYR A 350 12.97 -0.93 -23.66
C TYR A 350 11.62 -0.90 -24.35
N VAL A 351 11.14 0.30 -24.70
CA VAL A 351 9.88 0.42 -25.41
C VAL A 351 9.92 -0.38 -26.71
N VAL A 352 11.05 -0.32 -27.43
CA VAL A 352 11.14 -1.05 -28.70
C VAL A 352 11.17 -2.56 -28.44
N GLN A 353 11.80 -2.95 -27.34
CA GLN A 353 11.84 -4.39 -26.98
C GLN A 353 10.42 -4.85 -26.69
N GLN A 354 9.64 -4.05 -25.97
CA GLN A 354 8.25 -4.41 -25.68
C GLN A 354 7.39 -4.49 -26.96
N MET A 355 7.62 -3.56 -27.90
CA MET A 355 6.96 -3.59 -29.21
C MET A 355 7.21 -4.92 -29.93
N ILE A 356 8.47 -5.37 -29.90
CA ILE A 356 8.84 -6.66 -30.47
C ILE A 356 8.09 -7.79 -29.77
N GLN A 357 8.00 -7.70 -28.43
CA GLN A 357 7.38 -8.77 -27.64
C GLN A 357 5.89 -8.90 -27.96
N THR A 358 5.19 -7.78 -28.06
CA THR A 358 3.75 -7.89 -28.34
C THR A 358 3.51 -8.26 -29.81
N CYS A 359 4.44 -7.94 -30.68
CA CYS A 359 4.21 -8.23 -32.12
C CYS A 359 4.54 -9.70 -32.39
N VAL A 360 5.18 -10.38 -31.44
CA VAL A 360 5.47 -11.83 -31.62
C VAL A 360 4.37 -12.64 -30.93
N LEU A 361 3.86 -12.15 -29.80
CA LEU A 361 2.75 -12.84 -29.12
C LEU A 361 1.49 -12.72 -29.99
N GLY A 362 1.30 -11.56 -30.61
CA GLY A 362 0.11 -11.32 -31.43
C GLY A 362 0.21 -11.98 -32.79
N GLN A 363 1.41 -12.39 -33.19
CA GLN A 363 1.55 -13.12 -34.47
C GLN A 363 0.80 -14.45 -34.33
N ASN A 364 0.62 -14.90 -33.09
CA ASN A 364 -0.07 -16.19 -32.84
C ASN A 364 -1.54 -15.92 -32.53
N ALA A 365 -2.07 -14.80 -33.02
CA ALA A 365 -3.47 -14.43 -32.73
C ALA A 365 -4.42 -15.21 -33.65
N ARG A 366 -5.71 -15.24 -33.29
CA ARG A 366 -6.71 -15.95 -34.11
C ARG A 366 -6.98 -15.15 -35.38
N ASP A 367 -7.23 -13.86 -35.24
CA ASP A 367 -7.58 -13.05 -36.43
C ASP A 367 -6.38 -12.98 -37.36
N GLN A 368 -6.51 -13.52 -38.57
CA GLN A 368 -5.38 -13.52 -39.52
C GLN A 368 -4.98 -12.07 -39.77
N LYS A 369 -5.94 -11.18 -39.94
CA LYS A 369 -5.58 -9.78 -40.27
C LYS A 369 -4.65 -9.27 -39.17
N GLN A 370 -5.03 -9.48 -37.92
CA GLN A 370 -4.19 -9.04 -36.81
C GLN A 370 -2.82 -9.70 -36.86
N SER A 371 -2.77 -11.00 -37.17
CA SER A 371 -1.51 -11.71 -37.29
C SER A 371 -0.64 -11.11 -38.39
N GLU A 372 -1.24 -10.75 -39.52
CA GLU A 372 -0.50 -10.10 -40.60
C GLU A 372 -0.02 -8.71 -40.21
N MET A 373 -0.86 -7.95 -39.50
CA MET A 373 -0.46 -6.59 -39.11
C MET A 373 0.69 -6.60 -38.09
N TYR A 374 0.61 -7.50 -37.11
CA TYR A 374 1.72 -7.68 -36.17
C TYR A 374 2.99 -8.14 -36.90
N GLY A 375 2.83 -9.03 -37.88
CA GLY A 375 3.97 -9.47 -38.66
C GLY A 375 4.64 -8.37 -39.46
N MET A 376 3.84 -7.45 -40.02
CA MET A 376 4.47 -6.43 -40.86
C MET A 376 5.02 -5.27 -40.04
N TRP A 377 4.43 -5.02 -38.86
CA TRP A 377 5.06 -4.12 -37.89
C TRP A 377 6.42 -4.64 -37.48
N LEU A 378 6.47 -5.95 -37.19
CA LEU A 378 7.70 -6.60 -36.78
C LEU A 378 8.72 -6.60 -37.91
N GLU A 379 8.24 -6.78 -39.15
CA GLU A 379 9.09 -6.66 -40.33
C GLU A 379 9.69 -5.26 -40.48
N LYS A 380 8.89 -4.22 -40.20
CA LYS A 380 9.38 -2.86 -40.28
C LYS A 380 10.46 -2.59 -39.23
N ILE A 381 10.28 -3.15 -38.02
CA ILE A 381 11.30 -3.08 -36.97
C ILE A 381 12.58 -3.80 -37.41
N HIS A 382 12.44 -4.98 -38.02
CA HIS A 382 13.56 -5.79 -38.48
C HIS A 382 14.40 -5.06 -39.50
N GLY A 383 13.74 -4.42 -40.47
CA GLY A 383 14.47 -3.67 -41.46
C GLY A 383 15.25 -2.51 -40.88
N ARG A 384 14.65 -1.81 -39.90
CA ARG A 384 15.38 -0.69 -39.33
C ARG A 384 16.52 -1.16 -38.42
N VAL A 385 16.35 -2.29 -37.73
CA VAL A 385 17.41 -2.83 -36.88
C VAL A 385 18.57 -3.37 -37.73
N MET A 386 18.26 -4.02 -38.85
CA MET A 386 19.30 -4.47 -39.79
C MET A 386 20.08 -3.30 -40.36
N ARG A 387 19.41 -2.19 -40.73
CA ARG A 387 20.20 -1.05 -41.20
C ARG A 387 21.02 -0.36 -40.11
N ASN A 388 20.80 -0.66 -38.83
CA ASN A 388 21.58 -0.05 -37.76
C ASN A 388 22.29 -1.09 -36.89
N ALA A 389 22.44 -2.33 -37.39
CA ALA A 389 22.91 -3.44 -36.56
C ALA A 389 24.39 -3.34 -36.21
N HIS A 390 25.19 -2.66 -37.04
CA HIS A 390 26.61 -2.50 -36.76
C HIS A 390 26.83 -1.70 -35.49
N ARG A 391 26.10 -0.61 -35.31
CA ARG A 391 26.24 0.18 -34.11
C ARG A 391 25.52 -0.46 -32.92
N LEU A 392 24.35 -1.08 -33.17
CA LEU A 392 23.56 -1.65 -32.09
C LEU A 392 24.17 -2.91 -31.52
N GLU A 393 24.95 -3.63 -32.33
CA GLU A 393 25.57 -4.89 -31.88
C GLU A 393 26.48 -4.62 -30.68
N ARG A 394 27.06 -3.42 -30.63
CA ARG A 394 28.02 -3.08 -29.55
C ARG A 394 27.29 -2.81 -28.23
N PHE A 395 25.98 -2.64 -28.28
CA PHE A 395 25.23 -2.29 -27.05
C PHE A 395 24.52 -3.51 -26.48
N SER A 396 24.44 -3.61 -25.15
CA SER A 396 23.71 -4.69 -24.51
C SER A 396 22.27 -4.75 -25.00
N SER A 397 21.62 -3.58 -25.04
CA SER A 397 20.24 -3.46 -25.48
C SER A 397 20.07 -3.91 -26.92
N GLY A 398 21.02 -3.51 -27.77
CA GLY A 398 21.01 -3.97 -29.15
C GLY A 398 21.14 -5.48 -29.26
N LYS A 399 21.93 -6.10 -28.39
CA LYS A 399 22.02 -7.57 -28.39
C LYS A 399 20.69 -8.21 -28.00
N LYS A 400 19.98 -7.62 -27.02
CA LYS A 400 18.64 -8.10 -26.67
C LYS A 400 17.67 -7.97 -27.85
N ILE A 401 17.77 -6.85 -28.57
CA ILE A 401 16.96 -6.63 -29.77
C ILE A 401 17.28 -7.66 -30.85
N ILE A 402 18.57 -7.94 -31.09
CA ILE A 402 18.95 -8.91 -32.12
C ILE A 402 18.43 -10.30 -31.78
N GLU A 403 18.58 -10.71 -30.52
CA GLU A 403 18.13 -12.05 -30.19
C GLU A 403 16.62 -12.14 -29.98
N ALA A 404 15.93 -11.01 -29.85
CA ALA A 404 14.47 -11.05 -29.89
C ALA A 404 13.95 -11.42 -31.28
N LEU A 405 14.59 -10.89 -32.32
CA LEU A 405 14.14 -10.99 -33.69
C LEU A 405 14.62 -12.25 -34.42
N GLN A 406 15.57 -12.99 -33.85
CA GLN A 406 15.87 -14.30 -34.41
C GLN A 406 14.92 -15.36 -33.87
N SER A 407 14.34 -15.11 -32.69
CA SER A 407 13.44 -16.03 -31.98
C SER A 407 11.99 -15.82 -32.35
N MET A 408 11.72 -15.35 -33.57
CA MET A 408 10.37 -15.25 -34.11
C MET A 408 10.22 -16.14 -35.33
N SER A 409 8.99 -16.18 -35.84
CA SER A 409 8.65 -16.88 -37.07
C SER A 409 7.59 -16.06 -37.78
N LEU A 410 7.96 -15.42 -38.89
CA LEU A 410 7.02 -14.54 -39.59
C LEU A 410 5.90 -15.33 -40.25
N TYR A 411 6.24 -16.48 -40.83
CA TYR A 411 5.28 -17.44 -41.44
C TYR A 411 4.33 -16.82 -42.47
C1 GOL C . -13.29 2.86 -24.70
O1 GOL C . -12.62 1.62 -24.64
C2 GOL C . -12.42 3.85 -25.45
O2 GOL C . -12.31 3.46 -26.81
C3 GOL C . -12.99 5.25 -25.30
O3 GOL C . -12.77 5.95 -26.50
C FMT D . 2.44 -9.85 19.88
O1 FMT D . 2.56 -9.88 18.65
O2 FMT D . 3.29 -10.17 20.74
C FMT E . 14.51 6.70 -42.10
O1 FMT E . 13.51 7.44 -42.06
O2 FMT E . 15.59 6.83 -41.51
C FMT F . 6.34 -15.20 44.61
O1 FMT F . 5.96 -14.11 45.08
O2 FMT F . 7.48 -15.67 44.54
C1 GOL G . -9.69 -16.58 22.74
O1 GOL G . -11.09 -16.43 22.91
C2 GOL G . -9.11 -15.51 21.84
O2 GOL G . -7.72 -15.74 21.63
C3 GOL G . -9.83 -15.40 20.52
O3 GOL G . -9.25 -14.38 19.69
C1 GOL H . -11.36 -8.23 1.07
O1 GOL H . -10.28 -7.84 1.89
C2 GOL H . -12.65 -8.30 1.86
O2 GOL H . -13.55 -9.18 1.21
C3 GOL H . -13.28 -6.93 2.02
O3 GOL H . -14.48 -7.08 2.74
C FMT I . -11.58 15.18 -12.85
O1 FMT I . -11.83 14.52 -11.86
O2 FMT I . -10.96 16.32 -12.85
C FMT J . 18.36 13.74 -33.60
O1 FMT J . 19.01 13.08 -32.81
O2 FMT J . 17.48 13.28 -34.42
#